data_4HJD
#
_entry.id   4HJD
#
_cell.length_a   46.920
_cell.length_b   51.490
_cell.length_c   31.030
_cell.angle_alpha   90.000
_cell.angle_beta   128.870
_cell.angle_gamma   90.000
#
_symmetry.space_group_name_H-M   'C 1 2 1'
#
loop_
_entity.id
_entity.type
_entity.pdbx_description
1 polymer 'GCN4pLI(alpha/beta/acyclic gamma)'
2 water water
#
_entity_poly.entity_id   1
_entity_poly.type   'polypeptide(L)'
_entity_poly.pdbx_seq_one_letter_code
;(ACE)RMKQIEDKLEEIL(XCP)KL(0W6)IE(XCP)ELARIKKLLYER
;
_entity_poly.pdbx_strand_id   A,B
#
loop_
_chem_comp.id
_chem_comp.type
_chem_comp.name
_chem_comp.formula
ACE non-polymer 'ACETYL GROUP' 'C2 H4 O'
XCP peptide-like '(1S,2S)-2-aminocyclopentanecarboxylic acid' 'C6 H11 N O2'
#
# COMPACT_ATOMS: atom_id res chain seq x y z
C ACE A 1 -10.00 18.33 14.13
O ACE A 1 -9.21 17.40 14.04
CH3 ACE A 1 -9.53 19.66 14.69
H1 ACE A 1 -9.25 19.95 15.69
H2 ACE A 1 -8.81 20.34 14.07
H3 ACE A 1 -10.45 20.55 14.58
N ARG A 2 -11.29 18.25 13.78
CA ARG A 2 -11.87 17.02 13.23
C ARG A 2 -11.36 16.71 11.83
N MET A 3 -11.31 17.74 10.99
CA MET A 3 -10.73 17.62 9.66
CA MET A 3 -10.72 17.64 9.65
C MET A 3 -9.25 17.22 9.76
N LYS A 4 -8.57 17.74 10.77
CA LYS A 4 -7.19 17.39 11.07
C LYS A 4 -7.08 15.91 11.45
N GLN A 5 -8.02 15.44 12.28
CA GLN A 5 -8.04 14.04 12.73
C GLN A 5 -8.22 13.08 11.54
N ILE A 6 -9.06 13.48 10.60
CA ILE A 6 -9.26 12.71 9.36
C ILE A 6 -7.96 12.64 8.55
N GLU A 7 -7.29 13.79 8.43
CA GLU A 7 -5.98 13.85 7.75
C GLU A 7 -4.97 12.93 8.43
N ASP A 8 -4.94 12.97 9.77
CA ASP A 8 -4.08 12.10 10.57
C ASP A 8 -4.33 10.61 10.30
N LYS A 9 -5.61 10.23 10.25
CA LYS A 9 -5.98 8.84 9.98
C LYS A 9 -5.57 8.38 8.58
N LEU A 10 -5.65 9.28 7.62
CA LEU A 10 -5.17 9.01 6.25
C LEU A 10 -3.65 8.79 6.23
N GLU A 11 -2.92 9.58 7.03
CA GLU A 11 -1.46 9.42 7.13
CA GLU A 11 -1.46 9.42 7.16
C GLU A 11 -1.09 8.09 7.79
N GLU A 12 -1.88 7.66 8.77
CA GLU A 12 -1.67 6.37 9.43
C GLU A 12 -1.90 5.22 8.44
N ILE A 13 -2.92 5.35 7.60
CA ILE A 13 -3.21 4.35 6.58
C ILE A 13 -2.10 4.30 5.53
N LEU A 14 -1.70 5.47 5.04
CA LEU A 14 -0.65 5.59 4.02
C LEU A 14 0.68 5.03 4.50
N XCP A 15 1.03 5.31 5.75
CB XCP A 15 2.29 4.82 6.33
CG XCP A 15 3.14 6.01 6.82
CD XCP A 15 3.95 5.51 8.02
CE XCP A 15 3.50 4.06 8.28
CA XCP A 15 2.13 3.93 7.59
C XCP A 15 1.73 2.48 7.31
O XCP A 15 2.55 1.67 6.90
H XCP A 15 0.53 5.78 6.26
HB XCP A 15 2.80 4.33 5.65
HG XCP A 15 2.57 6.76 7.09
HGA XCP A 15 3.75 6.31 6.11
HD XCP A 15 3.76 6.06 8.82
HDA XCP A 15 4.91 5.52 7.82
HE XCP A 15 3.41 3.88 9.24
HEA XCP A 15 4.14 3.43 7.88
HA XCP A 15 1.45 4.34 8.17
N LYS A 16 0.45 2.17 7.54
CA LYS A 16 -0.10 0.83 7.33
C LYS A 16 0.21 0.20 5.96
N LEU A 17 0.19 1.00 4.91
CA LEU A 17 0.37 0.48 3.54
C LEU A 17 1.83 0.25 3.14
N 0W6 A 18 2.77 0.65 4.00
CA 0W6 A 18 4.19 0.49 3.72
C16 0W6 A 18 4.80 1.85 3.42
C17 0W6 A 18 4.93 -0.20 4.87
C18 0W6 A 18 4.11 -1.22 5.67
C 0W6 A 18 3.79 -2.48 4.91
O 0W6 A 18 4.69 -3.32 4.68
HA 0W6 A 18 4.34 -0.14 2.83
H12 0W6 A 18 4.10 2.63 3.58
H13 0W6 A 18 5.63 2.05 4.12
H14 0W6 A 18 5.19 1.89 2.45
H15 0W6 A 18 5.28 0.57 5.57
H16 0W6 A 18 5.81 -0.70 4.48
H17 0W6 A 18 3.18 -0.75 6.01
H18 0W6 A 18 4.67 -1.49 6.57
N ILE A 19 2.53 -2.65 4.49
CA ILE A 19 2.08 -3.83 3.74
C ILE A 19 2.86 -4.09 2.45
N GLU A 20 3.13 -3.04 1.68
CA GLU A 20 3.79 -3.21 0.38
C GLU A 20 5.26 -3.62 0.54
N XCP A 21 5.96 -3.00 1.47
CB XCP A 21 7.39 -3.32 1.69
CG XCP A 21 8.26 -2.07 1.78
CD XCP A 21 9.54 -2.54 2.50
CE XCP A 21 9.13 -3.77 3.35
CA XCP A 21 7.64 -4.03 3.05
C XCP A 21 7.26 -5.52 3.02
O XCP A 21 7.98 -6.31 2.43
H XCP A 21 5.62 -2.38 1.96
HB XCP A 21 7.72 -3.89 0.97
HG XCP A 21 7.82 -1.38 2.30
HGA XCP A 21 8.48 -1.74 0.89
HD XCP A 21 9.89 -1.84 3.07
HDA XCP A 21 10.22 -2.81 1.84
HE XCP A 21 9.25 -3.57 4.30
HEA XCP A 21 9.68 -4.54 3.10
HA XCP A 21 7.10 -3.59 3.73
N GLU A 22 6.14 -5.86 3.66
CA GLU A 22 5.67 -7.25 3.71
C GLU A 22 5.57 -7.95 2.35
N LEU A 23 4.92 -7.33 1.38
CA LEU A 23 4.73 -7.95 0.06
C LEU A 23 6.05 -8.13 -0.70
N ALA A 24 6.95 -7.18 -0.57
CA ALA A 24 8.30 -7.29 -1.15
C ALA A 24 9.06 -8.46 -0.53
N ARG A 25 8.89 -8.64 0.78
CA ARG A 25 9.54 -9.73 1.51
C ARG A 25 8.93 -11.09 1.17
N ILE A 26 7.61 -11.12 1.03
CA ILE A 26 6.88 -12.34 0.63
C ILE A 26 7.29 -12.78 -0.78
N LYS A 27 7.44 -11.81 -1.67
CA LYS A 27 7.90 -12.05 -3.04
C LYS A 27 9.31 -12.66 -3.07
N LYS A 28 10.20 -12.09 -2.26
CA LYS A 28 11.58 -12.59 -2.14
C LYS A 28 11.65 -14.03 -1.63
N LEU A 29 10.84 -14.35 -0.62
CA LEU A 29 10.74 -15.71 -0.10
C LEU A 29 10.27 -16.70 -1.16
N LEU A 30 9.31 -16.27 -1.99
CA LEU A 30 8.78 -17.10 -3.06
C LEU A 30 9.82 -17.36 -4.16
N TYR A 31 10.63 -16.37 -4.49
CA TYR A 31 11.69 -16.55 -5.49
C TYR A 31 12.70 -17.61 -5.03
N GLU A 32 12.92 -17.69 -3.72
CA GLU A 32 13.88 -18.63 -3.14
C GLU A 32 13.31 -20.04 -2.90
N ARG A 33 11.98 -20.13 -2.83
CA ARG A 33 11.29 -21.39 -2.53
C ARG A 33 10.23 -21.67 -3.60
C ACE B 1 -6.44 22.60 3.84
O ACE B 1 -5.77 21.82 3.18
CH3 ACE B 1 -6.41 24.08 3.54
H1 ACE B 1 -6.03 24.01 2.91
H2 ACE B 1 -7.40 24.18 3.94
H3 ACE B 1 -5.82 24.15 4.63
N ARG B 2 -7.22 22.23 4.85
CA ARG B 2 -7.35 20.84 5.27
C ARG B 2 -8.04 19.95 4.22
N MET B 3 -8.96 20.53 3.46
CA MET B 3 -9.70 19.77 2.46
C MET B 3 -8.78 19.35 1.32
N LYS B 4 -7.94 20.29 0.87
CA LYS B 4 -7.02 20.03 -0.23
C LYS B 4 -6.00 18.96 0.15
N GLN B 5 -5.50 19.03 1.38
CA GLN B 5 -4.51 18.06 1.87
C GLN B 5 -5.12 16.66 1.99
N ILE B 6 -6.38 16.59 2.42
CA ILE B 6 -7.10 15.32 2.52
C ILE B 6 -7.28 14.71 1.13
N GLU B 7 -7.67 15.53 0.16
CA GLU B 7 -7.83 15.08 -1.23
C GLU B 7 -6.50 14.56 -1.78
N ASP B 8 -5.41 15.26 -1.47
CA ASP B 8 -4.07 14.85 -1.87
C ASP B 8 -3.70 13.47 -1.31
N LYS B 9 -4.00 13.24 -0.04
CA LYS B 9 -3.67 11.97 0.62
C LYS B 9 -4.49 10.80 0.06
N LEU B 10 -5.75 11.05 -0.30
CA LEU B 10 -6.61 10.01 -0.85
C LEU B 10 -6.10 9.53 -2.21
N GLU B 11 -5.62 10.45 -3.04
CA GLU B 11 -5.06 10.10 -4.33
C GLU B 11 -3.75 9.33 -4.18
N GLU B 12 -2.94 9.71 -3.19
CA GLU B 12 -1.69 9.01 -2.91
C GLU B 12 -1.95 7.57 -2.47
N ILE B 13 -3.00 7.38 -1.67
CA ILE B 13 -3.40 6.04 -1.22
C ILE B 13 -3.87 5.20 -2.40
N LEU B 14 -4.75 5.75 -3.22
CA LEU B 14 -5.30 5.03 -4.37
C LEU B 14 -4.23 4.58 -5.38
N XCP B 15 -3.21 5.43 -5.58
CB XCP B 15 -2.13 5.11 -6.53
CG XCP B 15 -2.10 6.04 -7.73
CD XCP B 15 -0.71 5.79 -8.33
CE XCP B 15 0.20 5.63 -7.10
CA XCP B 15 -0.72 5.28 -5.91
C XCP B 15 -0.24 4.05 -5.13
O XCP B 15 0.16 3.06 -5.72
H XCP B 15 -3.16 6.18 -5.18
HB XCP B 15 -2.22 4.18 -6.84
HG XCP B 15 -2.20 6.98 -7.46
HGA XCP B 15 -2.80 5.80 -8.38
HD XCP B 15 -0.42 6.54 -8.87
HDA XCP B 15 -0.71 4.97 -8.86
HE XCP B 15 0.67 6.48 -6.91
HEA XCP B 15 0.86 4.92 -7.26
HA XCP B 15 -0.74 6.05 -5.31
N LYS B 16 -0.28 4.14 -3.80
CA LYS B 16 0.14 3.05 -2.93
C LYS B 16 -0.52 1.69 -3.20
N LEU B 17 -1.79 1.69 -3.60
CA LEU B 17 -2.52 0.44 -3.82
C LEU B 17 -2.18 -0.21 -5.17
N 0W6 B 18 -1.39 0.47 -6.00
CA 0W6 B 18 -1.00 -0.06 -7.30
C16 0W6 B 18 -1.85 0.60 -8.37
C17 0W6 B 18 0.48 0.18 -7.58
C18 0W6 B 18 1.41 -0.15 -6.41
C 0W6 B 18 1.31 -1.60 -5.98
O 0W6 B 18 1.81 -2.50 -6.70
HA 0W6 B 18 -1.18 -1.14 -7.34
H12 0W6 B 18 -2.41 -0.13 -8.88
H13 0W6 B 18 -2.45 1.34 -7.97
H14 0W6 B 18 -1.17 1.06 -9.11
H15 0W6 B 18 0.78 -0.41 -8.45
H16 0W6 B 18 0.61 1.23 -7.83
H17 0W6 B 18 1.19 0.50 -5.56
H18 0W6 B 18 2.44 0.05 -6.71
N ILE B 19 0.68 -1.84 -4.83
CA ILE B 19 0.50 -3.19 -4.26
C ILE B 19 -0.01 -4.24 -5.26
N GLU B 20 -0.91 -3.83 -6.15
CA GLU B 20 -1.48 -4.75 -7.16
C GLU B 20 -0.44 -5.26 -8.16
N XCP B 21 0.58 -4.45 -8.45
CB XCP B 21 1.63 -4.85 -9.40
CG XCP B 21 1.81 -3.78 -10.50
CD XCP B 21 3.19 -4.06 -11.10
CE XCP B 21 4.00 -4.79 -10.00
CA XCP B 21 3.05 -4.96 -8.80
C XCP B 21 3.32 -6.26 -8.05
O XCP B 21 3.37 -7.32 -8.66
H XCP B 21 0.65 -3.67 -8.10
HB XCP B 21 1.40 -5.70 -9.83
HG XCP B 21 1.79 -2.89 -10.11
HGA XCP B 21 1.11 -3.88 -11.19
HD XCP B 21 3.64 -3.22 -11.34
HDA XCP B 21 3.11 -4.63 -11.89
HE XCP B 21 4.78 -4.26 -9.75
HEA XCP B 21 4.28 -5.66 -10.34
HA XCP B 21 3.19 -4.21 -8.18
N GLU B 22 3.48 -6.16 -6.74
CA GLU B 22 3.75 -7.32 -5.89
C GLU B 22 2.73 -8.47 -5.99
N LEU B 23 1.45 -8.16 -5.85
CA LEU B 23 0.42 -9.21 -5.84
C LEU B 23 0.31 -9.93 -7.19
N ALA B 24 0.46 -9.19 -8.28
CA ALA B 24 0.47 -9.79 -9.62
C ALA B 24 1.66 -10.73 -9.78
N ARG B 25 2.80 -10.34 -9.23
CA ARG B 25 4.00 -11.15 -9.30
C ARG B 25 3.88 -12.39 -8.41
N ILE B 26 3.33 -12.20 -7.21
CA ILE B 26 3.14 -13.31 -6.28
C ILE B 26 2.20 -14.35 -6.88
N LYS B 27 1.14 -13.90 -7.52
CA LYS B 27 0.18 -14.80 -8.17
C LYS B 27 0.83 -15.58 -9.32
N LYS B 28 1.61 -14.88 -10.15
CA LYS B 28 2.34 -15.53 -11.25
C LYS B 28 3.31 -16.59 -10.76
N LEU B 29 4.09 -16.25 -9.74
CA LEU B 29 5.04 -17.20 -9.15
C LEU B 29 4.33 -18.47 -8.64
N LEU B 30 3.16 -18.28 -8.04
CA LEU B 30 2.39 -19.40 -7.50
C LEU B 30 1.77 -20.28 -8.59
N TYR B 31 1.33 -19.66 -9.69
CA TYR B 31 0.82 -20.42 -10.85
C TYR B 31 1.89 -21.34 -11.41
N GLU B 32 3.13 -20.85 -11.43
CA GLU B 32 4.25 -21.58 -12.01
C GLU B 32 4.76 -22.69 -11.10
N ARG B 33 4.53 -22.57 -9.79
CA ARG B 33 4.95 -23.61 -8.84
C ARG B 33 3.83 -24.62 -8.60
#